data_7FQO
#
_entry.id   7FQO
#
_cell.length_a   89.600
_cell.length_b   89.600
_cell.length_c   106.380
_cell.angle_alpha   90.000
_cell.angle_beta   90.000
_cell.angle_gamma   120.000
#
_symmetry.space_group_name_H-M   'P 31 2 1'
#
loop_
_entity.id
_entity.type
_entity.pdbx_description
1 polymer 'Tyrosine-protein phosphatase non-receptor type 1'
2 non-polymer 2-AMINO-2-HYDROXYMETHYL-PROPANE-1,3-DIOL
3 non-polymer (1R,4R,5R,6S)-2-(methanesulfonyl)-4,6-dimethoxy-2-azabicyclo[3.3.1]nonane
4 water water
#
_entity_poly.entity_id   1
_entity_poly.type   'polypeptide(L)'
_entity_poly.pdbx_seq_one_letter_code
;MEMEKEFEQIDKSGSWAAIYQDIRHEASDFPSRVAKLPKNKNRNRYRDVSPFDHSRIKLHQEDNDYINASLIKMEEAQRS
YILTQGPLPNTVGHFWEMVWEQKSRGVVMLNRVMEKGSLKCAQYWPQKEEKEMIFEDTNLKLTLISEDIKSYYTVRQLEL
ENLTTQETREILHFHYTTWPDFGVPESPASFLNFLFKVRESGSLSPEHGPVVVHCSAGIGRSGTFCLADTCLLLMDKRKD
PSSVDIKKVLLEMRKFRMGLIQTADQLRFSYLAVIEGAKFIMGDSSVQDQWKELSHEDLEPPPEHIPPPPRPPKRILEPH
N
;
_entity_poly.pdbx_strand_id   A
#
loop_
_chem_comp.id
_chem_comp.type
_chem_comp.name
_chem_comp.formula
TRS non-polymer 2-AMINO-2-HYDROXYMETHYL-PROPANE-1,3-DIOL 'C4 H12 N O3 1'
WUW non-polymer (1R,4R,5R,6S)-2-(methanesulfonyl)-4,6-dimethoxy-2-azabicyclo[3.3.1]nonane 'C11 H21 N O4 S'
#
# COMPACT_ATOMS: atom_id res chain seq x y z
N GLU A 2 -17.99 10.88 -17.50
CA GLU A 2 -18.15 10.12 -16.23
C GLU A 2 -17.62 8.68 -16.41
N MET A 3 -16.93 8.19 -15.38
CA MET A 3 -16.18 6.92 -15.35
C MET A 3 -17.11 5.71 -15.51
N GLU A 4 -18.34 5.79 -14.98
CA GLU A 4 -19.35 4.70 -15.07
C GLU A 4 -19.63 4.40 -16.55
N LYS A 5 -19.71 5.44 -17.38
CA LYS A 5 -20.03 5.33 -18.83
C LYS A 5 -18.75 4.91 -19.56
N GLU A 6 -17.61 5.49 -19.15
CA GLU A 6 -16.28 5.06 -19.65
C GLU A 6 -16.08 3.57 -19.32
N PHE A 7 -16.51 3.13 -18.13
CA PHE A 7 -16.47 1.71 -17.68
C PHE A 7 -17.25 0.83 -18.65
N GLU A 8 -18.52 1.16 -18.92
CA GLU A 8 -19.41 0.37 -19.81
C GLU A 8 -18.80 0.29 -21.21
N GLN A 9 -18.28 1.42 -21.71
CA GLN A 9 -17.59 1.53 -23.04
C GLN A 9 -16.43 0.54 -23.10
N ILE A 10 -15.49 0.63 -22.14
CA ILE A 10 -14.26 -0.21 -22.18
C ILE A 10 -14.72 -1.66 -22.04
N ASP A 11 -15.71 -1.91 -21.18
CA ASP A 11 -16.21 -3.27 -20.90
C ASP A 11 -16.88 -3.82 -22.16
N LYS A 12 -17.88 -3.13 -22.69
CA LYS A 12 -18.63 -3.53 -23.92
C LYS A 12 -17.66 -3.70 -25.10
N SER A 13 -16.62 -2.89 -25.22
CA SER A 13 -15.61 -3.00 -26.31
C SER A 13 -14.50 -3.99 -25.97
N GLY A 14 -14.44 -4.51 -24.73
CA GLY A 14 -13.32 -5.29 -24.17
C GLY A 14 -11.93 -4.67 -24.38
N SER A 15 -11.76 -3.38 -24.11
CA SER A 15 -10.51 -2.61 -24.38
C SER A 15 -9.59 -2.50 -23.14
N TRP A 16 -9.77 -3.32 -22.09
CA TRP A 16 -9.03 -3.15 -20.81
C TRP A 16 -7.53 -3.34 -21.06
N ALA A 17 -7.14 -4.37 -21.80
CA ALA A 17 -5.70 -4.61 -22.12
C ALA A 17 -5.13 -3.40 -22.86
N ALA A 18 -5.95 -2.73 -23.68
CA ALA A 18 -5.55 -1.57 -24.51
C ALA A 18 -5.33 -0.33 -23.66
N ILE A 19 -6.33 0.07 -22.84
CA ILE A 19 -6.20 1.17 -21.84
C ILE A 19 -4.94 0.90 -21.01
N TYR A 20 -4.80 -0.32 -20.51
CA TYR A 20 -3.72 -0.71 -19.56
C TYR A 20 -2.36 -0.45 -20.20
N GLN A 21 -2.20 -0.85 -21.47
CA GLN A 21 -0.95 -0.65 -22.25
C GLN A 21 -0.66 0.84 -22.47
N ASP A 22 -1.66 1.70 -22.70
CA ASP A 22 -1.40 3.16 -22.87
C ASP A 22 -0.84 3.71 -21.55
N ILE A 23 -1.36 3.23 -20.41
CA ILE A 23 -0.86 3.63 -19.07
C ILE A 23 0.60 3.20 -18.93
N ARG A 24 0.91 1.95 -19.28
CA ARG A 24 2.30 1.41 -19.23
C ARG A 24 3.22 2.32 -20.04
N HIS A 25 2.77 2.70 -21.25
N HIS A 25 2.77 2.75 -21.23
CA HIS A 25 3.53 3.52 -22.24
CA HIS A 25 3.62 3.50 -22.20
C HIS A 25 3.79 4.91 -21.66
C HIS A 25 3.77 4.96 -21.76
N GLU A 26 2.76 5.53 -21.08
CA GLU A 26 2.82 6.95 -20.60
C GLU A 26 3.52 7.09 -19.25
N ALA A 27 3.78 5.99 -18.54
CA ALA A 27 4.27 5.98 -17.15
C ALA A 27 5.71 6.52 -17.10
N SER A 28 6.00 7.25 -16.04
CA SER A 28 7.30 7.88 -15.72
C SER A 28 8.36 6.81 -15.59
N ASP A 29 9.60 7.20 -15.89
CA ASP A 29 10.77 6.34 -15.66
C ASP A 29 11.84 7.18 -15.01
N PHE A 30 12.16 6.92 -13.76
CA PHE A 30 13.16 7.73 -13.05
C PHE A 30 14.25 6.77 -12.64
N PRO A 31 15.44 7.29 -12.40
CA PRO A 31 16.52 6.45 -11.94
C PRO A 31 16.20 5.78 -10.59
N SER A 32 16.68 4.54 -10.45
N SER A 32 16.71 4.56 -10.42
CA SER A 32 16.67 3.70 -9.21
CA SER A 32 16.68 3.77 -9.16
C SER A 32 18.09 3.18 -8.94
C SER A 32 18.08 3.19 -8.93
N ARG A 33 19.05 4.08 -8.78
CA ARG A 33 20.49 3.70 -8.65
C ARG A 33 20.73 3.10 -7.28
N VAL A 34 20.15 3.68 -6.22
CA VAL A 34 20.44 3.13 -4.87
C VAL A 34 19.97 1.67 -4.79
N ALA A 35 18.79 1.35 -5.30
CA ALA A 35 18.18 -0.01 -5.26
C ALA A 35 19.12 -1.00 -5.93
N LYS A 36 19.86 -0.58 -6.97
CA LYS A 36 20.67 -1.50 -7.83
C LYS A 36 22.10 -1.65 -7.29
N LEU A 37 22.52 -0.92 -6.27
CA LEU A 37 23.86 -1.14 -5.68
C LEU A 37 23.94 -2.59 -5.21
N PRO A 38 25.10 -3.25 -5.45
CA PRO A 38 25.26 -4.67 -5.10
C PRO A 38 25.09 -4.98 -3.61
N LYS A 39 25.45 -4.06 -2.73
CA LYS A 39 25.22 -4.20 -1.28
C LYS A 39 23.71 -4.21 -0.91
N ASN A 40 22.78 -3.95 -1.85
CA ASN A 40 21.34 -3.87 -1.56
C ASN A 40 20.62 -5.02 -2.23
N LYS A 41 21.35 -5.94 -2.87
CA LYS A 41 20.70 -7.00 -3.66
C LYS A 41 19.80 -7.83 -2.75
N ASN A 42 20.22 -8.13 -1.53
CA ASN A 42 19.44 -9.00 -0.62
C ASN A 42 18.39 -8.16 0.14
N ARG A 43 18.24 -6.87 -0.16
CA ARG A 43 17.16 -6.05 0.47
C ARG A 43 15.96 -5.96 -0.46
N ASN A 44 16.03 -6.59 -1.62
CA ASN A 44 14.94 -6.52 -2.64
C ASN A 44 14.37 -7.88 -2.87
N ARG A 45 13.07 -8.03 -2.78
CA ARG A 45 12.39 -9.31 -3.01
C ARG A 45 12.44 -9.60 -4.50
N TYR A 46 12.20 -8.61 -5.37
CA TYR A 46 12.10 -8.81 -6.84
C TYR A 46 13.08 -7.86 -7.51
N ARG A 47 13.88 -8.38 -8.45
CA ARG A 47 14.98 -7.62 -9.07
C ARG A 47 14.39 -6.57 -10.02
N ASP A 48 13.16 -6.74 -10.52
CA ASP A 48 12.52 -5.75 -11.43
C ASP A 48 11.55 -4.81 -10.68
N VAL A 49 11.53 -4.81 -9.33
CA VAL A 49 10.70 -3.84 -8.57
C VAL A 49 11.56 -3.05 -7.63
N SER A 50 11.77 -1.79 -7.98
CA SER A 50 12.72 -0.91 -7.29
C SER A 50 12.04 0.42 -7.02
N PRO A 51 12.31 1.01 -5.85
CA PRO A 51 11.89 2.40 -5.63
C PRO A 51 12.78 3.35 -6.47
N PHE A 52 12.18 4.42 -6.96
CA PHE A 52 12.91 5.56 -7.58
C PHE A 52 13.74 6.19 -6.48
N ASP A 53 14.92 6.71 -6.83
CA ASP A 53 15.78 7.44 -5.85
C ASP A 53 15.03 8.65 -5.28
N HIS A 54 14.27 9.36 -6.10
CA HIS A 54 13.72 10.68 -5.66
C HIS A 54 12.68 10.48 -4.56
N SER A 55 11.96 9.37 -4.56
CA SER A 55 10.79 9.19 -3.65
C SER A 55 11.09 8.08 -2.62
N ARG A 56 12.31 7.57 -2.55
CA ARG A 56 12.58 6.34 -1.73
C ARG A 56 12.57 6.76 -0.26
N ILE A 57 12.07 5.88 0.62
CA ILE A 57 12.21 6.10 2.09
C ILE A 57 13.63 5.77 2.51
N LYS A 58 14.24 6.64 3.27
CA LYS A 58 15.57 6.41 3.82
C LYS A 58 15.46 6.01 5.28
N LEU A 59 16.13 4.93 5.67
CA LEU A 59 16.29 4.59 7.11
C LEU A 59 17.30 5.56 7.74
N HIS A 60 17.09 5.98 8.98
CA HIS A 60 18.07 6.81 9.76
C HIS A 60 19.12 5.91 10.45
N GLN A 61 19.77 4.98 9.76
CA GLN A 61 20.93 4.17 10.27
C GLN A 61 22.09 4.54 9.34
N GLU A 62 23.29 4.82 9.87
CA GLU A 62 24.43 5.44 9.12
C GLU A 62 25.05 4.43 8.16
N ASP A 63 24.99 3.15 8.53
CA ASP A 63 25.57 2.02 7.77
C ASP A 63 24.97 1.99 6.35
N ASN A 64 23.70 1.61 6.25
CA ASN A 64 22.97 1.41 4.97
C ASN A 64 21.54 1.91 5.14
N ASP A 65 21.16 2.99 4.45
CA ASP A 65 19.86 3.65 4.67
C ASP A 65 18.76 3.02 3.81
N TYR A 66 19.05 1.92 3.12
CA TYR A 66 18.16 1.45 2.03
C TYR A 66 17.03 0.51 2.53
N ILE A 67 15.82 0.79 2.04
CA ILE A 67 14.68 -0.15 2.11
C ILE A 67 13.89 0.00 0.81
N ASN A 68 13.32 -1.09 0.36
CA ASN A 68 12.44 -1.08 -0.79
C ASN A 68 11.08 -0.49 -0.36
N ALA A 69 10.99 0.84 -0.38
CA ALA A 69 9.81 1.58 0.05
C ALA A 69 9.84 2.95 -0.63
N SER A 70 8.65 3.44 -1.00
CA SER A 70 8.44 4.71 -1.71
C SER A 70 7.39 5.55 -0.97
N LEU A 71 7.61 6.85 -0.90
CA LEU A 71 6.59 7.83 -0.43
C LEU A 71 5.79 8.31 -1.63
N ILE A 72 4.47 8.04 -1.63
N ILE A 72 4.49 7.95 -1.65
CA ILE A 72 3.50 8.55 -2.63
CA ILE A 72 3.49 8.53 -2.58
C ILE A 72 2.74 9.73 -2.03
C ILE A 72 2.94 9.78 -1.89
N LYS A 73 3.02 10.94 -2.55
CA LYS A 73 2.49 12.22 -2.02
C LYS A 73 1.39 12.71 -2.97
N MET A 74 0.12 12.70 -2.56
CA MET A 74 -1.00 13.14 -3.41
C MET A 74 -1.41 14.51 -2.87
N GLU A 75 -0.81 15.53 -3.47
CA GLU A 75 -0.88 16.96 -3.07
C GLU A 75 -2.33 17.44 -3.01
N GLU A 76 -3.11 17.27 -4.07
CA GLU A 76 -4.49 17.78 -4.04
C GLU A 76 -5.32 17.03 -3.00
N ALA A 77 -5.16 15.70 -2.85
CA ALA A 77 -5.99 14.93 -1.87
C ALA A 77 -5.49 15.09 -0.43
N GLN A 78 -4.28 15.63 -0.25
N GLN A 78 -4.32 15.71 -0.24
CA GLN A 78 -3.64 15.81 1.08
CA GLN A 78 -3.61 15.79 1.07
C GLN A 78 -3.46 14.43 1.74
C GLN A 78 -3.60 14.39 1.69
N ARG A 79 -3.11 13.41 0.94
CA ARG A 79 -2.88 12.05 1.44
C ARG A 79 -1.46 11.67 1.06
N SER A 80 -0.74 11.03 1.96
N SER A 80 -0.76 10.95 1.93
CA SER A 80 0.54 10.34 1.72
CA SER A 80 0.58 10.35 1.66
C SER A 80 0.38 8.84 2.01
C SER A 80 0.63 8.91 2.18
N TYR A 81 1.18 8.01 1.35
CA TYR A 81 1.24 6.56 1.60
C TYR A 81 2.67 6.13 1.41
N ILE A 82 3.12 5.20 2.23
CA ILE A 82 4.39 4.50 2.00
C ILE A 82 3.96 3.18 1.41
N LEU A 83 4.43 2.87 0.21
CA LEU A 83 4.21 1.55 -0.41
C LEU A 83 5.53 0.79 -0.32
N THR A 84 5.50 -0.45 0.15
CA THR A 84 6.73 -1.22 0.36
C THR A 84 6.45 -2.67 -0.07
N GLN A 85 7.51 -3.44 -0.15
CA GLN A 85 7.39 -4.88 -0.43
C GLN A 85 7.06 -5.59 0.89
N GLY A 86 6.56 -6.81 0.80
CA GLY A 86 6.49 -7.69 1.97
C GLY A 86 7.90 -7.90 2.48
N PRO A 87 8.16 -7.69 3.78
CA PRO A 87 9.50 -7.83 4.29
C PRO A 87 10.03 -9.24 4.07
N LEU A 88 11.32 -9.28 3.87
CA LEU A 88 12.16 -10.48 3.82
C LEU A 88 12.60 -10.86 5.24
N PRO A 89 13.04 -12.12 5.44
CA PRO A 89 13.58 -12.58 6.72
C PRO A 89 14.65 -11.61 7.22
N ASN A 90 15.48 -11.10 6.33
CA ASN A 90 16.56 -10.19 6.77
C ASN A 90 16.13 -8.72 6.83
N THR A 91 14.92 -8.33 6.39
CA THR A 91 14.54 -6.90 6.42
C THR A 91 13.39 -6.64 7.41
N VAL A 92 13.00 -7.62 8.23
CA VAL A 92 11.87 -7.37 9.19
C VAL A 92 12.25 -6.25 10.14
N GLY A 93 13.49 -6.21 10.62
CA GLY A 93 13.93 -5.14 11.54
C GLY A 93 13.92 -3.78 10.87
N HIS A 94 14.27 -3.71 9.59
CA HIS A 94 14.28 -2.43 8.81
C HIS A 94 12.85 -1.93 8.64
N PHE A 95 11.93 -2.88 8.38
CA PHE A 95 10.49 -2.54 8.19
C PHE A 95 10.00 -1.81 9.44
N TRP A 96 10.25 -2.37 10.63
CA TRP A 96 9.71 -1.79 11.87
C TRP A 96 10.46 -0.49 12.19
N GLU A 97 11.73 -0.41 11.85
CA GLU A 97 12.49 0.85 12.00
C GLU A 97 11.80 1.95 11.17
N MET A 98 11.43 1.63 9.93
CA MET A 98 10.76 2.58 9.03
C MET A 98 9.44 3.02 9.65
N VAL A 99 8.64 2.07 10.14
CA VAL A 99 7.35 2.40 10.82
C VAL A 99 7.60 3.40 11.98
N TRP A 100 8.63 3.12 12.76
CA TRP A 100 8.99 3.96 13.91
C TRP A 100 9.37 5.35 13.40
N GLU A 101 10.36 5.41 12.52
CA GLU A 101 10.97 6.69 12.03
C GLU A 101 9.95 7.56 11.30
N GLN A 102 9.01 7.00 10.55
CA GLN A 102 8.02 7.78 9.78
C GLN A 102 6.77 8.12 10.60
N LYS A 103 6.66 7.62 11.85
CA LYS A 103 5.50 7.91 12.78
C LYS A 103 4.19 7.40 12.22
N SER A 104 4.24 6.33 11.45
CA SER A 104 3.05 5.64 10.95
C SER A 104 2.21 5.12 12.13
N ARG A 105 0.89 5.21 11.99
N ARG A 105 0.90 5.12 11.95
CA ARG A 105 -0.13 4.66 12.91
CA ARG A 105 -0.11 4.64 12.94
C ARG A 105 -0.46 3.23 12.46
C ARG A 105 -0.69 3.30 12.47
N GLY A 106 -0.67 3.04 11.16
CA GLY A 106 -1.28 1.84 10.58
C GLY A 106 -0.33 1.18 9.59
N VAL A 107 -0.47 -0.14 9.51
CA VAL A 107 0.14 -1.01 8.47
C VAL A 107 -1.00 -1.72 7.80
N VAL A 108 -1.08 -1.63 6.48
CA VAL A 108 -2.09 -2.33 5.66
C VAL A 108 -1.42 -3.46 4.87
N MET A 109 -1.85 -4.68 5.09
CA MET A 109 -1.28 -5.90 4.47
C MET A 109 -2.36 -6.52 3.58
N LEU A 110 -2.08 -6.70 2.30
CA LEU A 110 -3.10 -7.12 1.32
C LEU A 110 -2.81 -8.53 0.79
N ASN A 111 -1.92 -9.25 1.42
CA ASN A 111 -1.54 -10.63 0.97
C ASN A 111 -1.59 -11.57 2.19
N ARG A 112 -1.56 -12.88 1.94
CA ARG A 112 -1.32 -13.94 2.95
C ARG A 112 0.16 -14.23 2.91
N VAL A 113 0.69 -14.73 4.02
CA VAL A 113 2.12 -15.09 4.11
C VAL A 113 2.47 -16.16 3.06
N MET A 114 1.54 -17.08 2.85
CA MET A 114 1.76 -18.10 1.79
C MET A 114 0.62 -17.97 0.80
N GLU A 115 0.98 -17.88 -0.48
CA GLU A 115 -0.03 -17.92 -1.54
C GLU A 115 0.57 -18.76 -2.68
N LYS A 116 -0.28 -19.50 -3.40
CA LYS A 116 0.22 -20.38 -4.50
C LYS A 116 1.37 -21.28 -4.02
N GLY A 117 1.32 -21.76 -2.77
CA GLY A 117 2.33 -22.69 -2.22
C GLY A 117 3.71 -22.12 -2.01
N SER A 118 3.91 -20.78 -2.09
CA SER A 118 5.22 -20.11 -1.88
C SER A 118 5.06 -18.97 -0.83
N LEU A 119 6.15 -18.57 -0.23
CA LEU A 119 6.09 -17.53 0.83
C LEU A 119 6.18 -16.18 0.13
N LYS A 120 5.20 -15.34 0.38
CA LYS A 120 5.09 -14.00 -0.27
C LYS A 120 5.65 -12.89 0.65
N CYS A 121 5.90 -13.23 1.92
CA CYS A 121 6.20 -12.31 3.02
C CYS A 121 6.74 -13.10 4.22
N ALA A 122 7.70 -12.56 4.96
CA ALA A 122 8.09 -13.06 6.28
C ALA A 122 6.94 -12.76 7.27
N GLN A 123 6.82 -13.62 8.26
CA GLN A 123 5.89 -13.46 9.40
C GLN A 123 6.52 -12.38 10.26
N TYR A 124 6.11 -11.10 10.16
CA TYR A 124 6.86 -9.99 10.77
C TYR A 124 6.15 -9.44 12.02
N TRP A 125 5.05 -10.08 12.45
CA TRP A 125 4.36 -9.69 13.71
C TRP A 125 4.12 -10.93 14.57
N PRO A 126 3.93 -10.77 15.90
CA PRO A 126 3.78 -11.92 16.80
C PRO A 126 2.40 -12.57 16.68
N GLN A 127 2.37 -13.88 16.87
CA GLN A 127 1.11 -14.67 16.71
C GLN A 127 0.40 -14.80 18.05
N LYS A 128 1.10 -14.56 19.15
CA LYS A 128 0.51 -14.74 20.50
C LYS A 128 0.93 -13.62 21.40
N GLU A 129 0.03 -13.19 22.28
CA GLU A 129 0.30 -12.10 23.25
C GLU A 129 1.62 -12.35 23.98
N GLU A 130 1.80 -13.56 24.50
CA GLU A 130 2.88 -13.84 25.49
C GLU A 130 4.21 -14.10 24.76
N LYS A 131 4.23 -14.09 23.40
CA LYS A 131 5.48 -14.36 22.64
C LYS A 131 5.84 -13.13 21.79
N GLU A 132 6.42 -12.12 22.40
CA GLU A 132 6.80 -10.87 21.73
C GLU A 132 8.02 -11.10 20.82
N MET A 133 8.30 -10.17 19.90
CA MET A 133 9.47 -10.28 18.97
C MET A 133 10.41 -9.15 19.29
N ILE A 134 11.68 -9.45 19.31
CA ILE A 134 12.77 -8.46 19.49
C ILE A 134 13.56 -8.46 18.17
N PHE A 135 13.77 -7.27 17.61
CA PHE A 135 14.61 -7.08 16.40
C PHE A 135 15.90 -6.50 16.90
N GLU A 136 16.90 -7.35 17.07
CA GLU A 136 18.19 -6.97 17.71
C GLU A 136 18.92 -5.95 16.83
N ASP A 137 18.89 -6.10 15.50
CA ASP A 137 19.55 -5.16 14.56
C ASP A 137 18.98 -3.75 14.75
N THR A 138 17.69 -3.54 15.01
CA THR A 138 17.16 -2.15 15.06
C THR A 138 16.70 -1.76 16.45
N ASN A 139 16.82 -2.64 17.44
CA ASN A 139 16.57 -2.27 18.86
C ASN A 139 15.10 -1.93 19.10
N LEU A 140 14.23 -2.78 18.60
CA LEU A 140 12.77 -2.60 18.72
C LEU A 140 12.17 -3.89 19.29
N LYS A 141 11.10 -3.71 20.04
CA LYS A 141 10.31 -4.82 20.56
C LYS A 141 8.88 -4.61 20.10
N LEU A 142 8.25 -5.71 19.72
CA LEU A 142 6.88 -5.70 19.17
C LEU A 142 6.07 -6.75 19.93
N THR A 143 4.95 -6.34 20.48
CA THR A 143 3.99 -7.19 21.25
C THR A 143 2.60 -7.15 20.62
N LEU A 144 1.99 -8.29 20.46
CA LEU A 144 0.59 -8.39 20.10
C LEU A 144 -0.27 -8.08 21.36
N ILE A 145 -1.14 -7.10 21.25
CA ILE A 145 -2.00 -6.60 22.34
C ILE A 145 -3.36 -7.25 22.18
N SER A 146 -3.90 -7.27 20.99
CA SER A 146 -5.23 -7.82 20.70
C SER A 146 -5.34 -8.10 19.22
N GLU A 147 -6.26 -8.98 18.89
CA GLU A 147 -6.46 -9.47 17.50
C GLU A 147 -7.96 -9.67 17.35
N ASP A 148 -8.58 -9.06 16.36
CA ASP A 148 -10.02 -9.19 16.06
C ASP A 148 -10.13 -9.80 14.66
N ILE A 149 -10.51 -11.09 14.58
CA ILE A 149 -10.57 -11.85 13.32
C ILE A 149 -11.97 -11.77 12.80
N LYS A 150 -12.17 -11.25 11.59
CA LYS A 150 -13.48 -11.18 10.91
C LYS A 150 -13.37 -12.01 9.66
N SER A 151 -14.43 -12.08 8.90
CA SER A 151 -14.57 -13.02 7.77
C SER A 151 -13.58 -12.68 6.65
N TYR A 152 -13.43 -11.39 6.33
CA TYR A 152 -12.67 -10.91 5.14
C TYR A 152 -11.39 -10.16 5.57
N TYR A 153 -11.18 -9.87 6.87
CA TYR A 153 -9.96 -9.19 7.36
C TYR A 153 -9.79 -9.39 8.86
N THR A 154 -8.58 -9.15 9.32
CA THR A 154 -8.15 -9.18 10.73
C THR A 154 -7.59 -7.81 11.08
N VAL A 155 -7.92 -7.29 12.26
CA VAL A 155 -7.27 -6.08 12.80
C VAL A 155 -6.52 -6.48 14.02
N ARG A 156 -5.29 -6.07 14.13
CA ARG A 156 -4.43 -6.35 15.28
C ARG A 156 -3.98 -5.02 15.86
N GLN A 157 -4.04 -4.90 17.18
N GLN A 157 -3.89 -5.00 17.18
CA GLN A 157 -3.33 -3.85 17.95
CA GLN A 157 -3.33 -3.89 17.98
C GLN A 157 -1.96 -4.40 18.32
C GLN A 157 -1.95 -4.36 18.44
N LEU A 158 -0.91 -3.61 18.09
CA LEU A 158 0.47 -3.98 18.41
C LEU A 158 1.05 -2.84 19.20
N GLU A 159 1.99 -3.15 20.05
CA GLU A 159 2.79 -2.15 20.75
C GLU A 159 4.20 -2.29 20.23
N LEU A 160 4.72 -1.17 19.79
CA LEU A 160 6.10 -1.08 19.28
C LEU A 160 6.86 -0.31 20.32
N GLU A 161 7.96 -0.86 20.79
CA GLU A 161 8.80 -0.20 21.80
C GLU A 161 10.18 0.03 21.24
N ASN A 162 10.64 1.27 21.40
CA ASN A 162 12.01 1.66 21.06
C ASN A 162 12.85 1.33 22.28
N LEU A 163 13.66 0.28 22.21
CA LEU A 163 14.36 -0.27 23.39
C LEU A 163 15.41 0.75 23.84
N THR A 164 15.84 1.62 22.92
CA THR A 164 16.91 2.62 23.10
C THR A 164 16.40 3.74 24.01
N THR A 165 15.14 4.16 23.86
CA THR A 165 14.53 5.32 24.53
C THR A 165 13.35 4.89 25.42
N GLN A 166 12.94 3.64 25.34
CA GLN A 166 11.78 3.08 26.08
C GLN A 166 10.49 3.85 25.73
N GLU A 167 10.43 4.61 24.64
CA GLU A 167 9.12 5.11 24.14
C GLU A 167 8.32 3.93 23.52
N THR A 168 7.01 3.99 23.58
CA THR A 168 6.13 2.97 23.00
C THR A 168 5.08 3.68 22.17
N ARG A 169 4.65 3.02 21.11
CA ARG A 169 3.48 3.46 20.33
C ARG A 169 2.60 2.28 20.04
N GLU A 170 1.35 2.62 19.82
CA GLU A 170 0.37 1.65 19.38
C GLU A 170 0.36 1.72 17.86
N ILE A 171 0.46 0.57 17.20
CA ILE A 171 0.34 0.41 15.73
C ILE A 171 -0.88 -0.47 15.47
N LEU A 172 -1.69 -0.11 14.50
CA LEU A 172 -2.81 -0.93 14.02
C LEU A 172 -2.37 -1.66 12.76
N HIS A 173 -2.56 -2.96 12.73
CA HIS A 173 -2.29 -3.85 11.60
C HIS A 173 -3.62 -4.27 10.99
N PHE A 174 -3.88 -3.86 9.75
CA PHE A 174 -5.07 -4.20 9.00
C PHE A 174 -4.69 -5.21 7.95
N HIS A 175 -5.22 -6.41 8.06
CA HIS A 175 -4.80 -7.54 7.22
C HIS A 175 -6.00 -7.99 6.44
N TYR A 176 -6.02 -7.68 5.13
CA TYR A 176 -7.07 -8.17 4.22
C TYR A 176 -6.68 -9.59 3.83
N THR A 177 -7.47 -10.58 4.24
CA THR A 177 -7.04 -12.01 4.21
C THR A 177 -7.70 -12.76 3.06
N THR A 178 -8.58 -12.15 2.28
CA THR A 178 -9.46 -12.89 1.35
C THR A 178 -9.21 -12.50 -0.09
N TRP A 179 -8.13 -11.78 -0.38
CA TRP A 179 -7.85 -11.51 -1.81
C TRP A 179 -7.55 -12.87 -2.43
N PRO A 180 -8.15 -13.27 -3.55
CA PRO A 180 -7.87 -14.61 -4.08
C PRO A 180 -6.46 -14.75 -4.69
N ASP A 181 -5.96 -16.00 -4.67
CA ASP A 181 -4.61 -16.39 -5.16
C ASP A 181 -4.47 -15.91 -6.61
N PHE A 182 -5.54 -16.02 -7.39
CA PHE A 182 -5.56 -15.63 -8.83
C PHE A 182 -6.67 -14.59 -9.05
N GLY A 183 -6.38 -13.60 -9.90
CA GLY A 183 -7.41 -12.63 -10.30
C GLY A 183 -7.70 -11.62 -9.21
N VAL A 184 -8.92 -11.09 -9.19
CA VAL A 184 -9.31 -9.99 -8.25
C VAL A 184 -10.59 -10.45 -7.61
N PRO A 185 -11.05 -9.87 -6.49
CA PRO A 185 -12.37 -10.22 -5.96
C PRO A 185 -13.47 -9.93 -6.99
N GLU A 186 -14.55 -10.71 -6.94
CA GLU A 186 -15.71 -10.64 -7.88
C GLU A 186 -16.45 -9.33 -7.62
N SER A 187 -16.70 -9.03 -6.34
CA SER A 187 -17.34 -7.77 -5.88
C SER A 187 -16.34 -6.94 -5.06
N PRO A 188 -16.34 -5.60 -5.21
CA PRO A 188 -15.51 -4.73 -4.37
C PRO A 188 -16.08 -4.41 -2.99
N ALA A 189 -17.21 -5.01 -2.64
CA ALA A 189 -17.87 -4.70 -1.37
C ALA A 189 -16.93 -4.92 -0.20
N SER A 190 -16.27 -6.08 -0.08
CA SER A 190 -15.52 -6.34 1.17
C SER A 190 -14.23 -5.49 1.19
N PHE A 191 -13.69 -5.24 0.03
CA PHE A 191 -12.49 -4.36 -0.11
C PHE A 191 -12.86 -2.93 0.34
N LEU A 192 -14.02 -2.41 -0.07
CA LEU A 192 -14.50 -1.06 0.33
C LEU A 192 -14.72 -1.01 1.82
N ASN A 193 -15.39 -2.03 2.38
N ASN A 193 -15.38 -2.02 2.40
CA ASN A 193 -15.61 -2.15 3.84
CA ASN A 193 -15.59 -2.06 3.88
C ASN A 193 -14.26 -2.03 4.56
C ASN A 193 -14.24 -2.03 4.59
N PHE A 194 -13.26 -2.78 4.07
CA PHE A 194 -11.89 -2.78 4.61
C PHE A 194 -11.29 -1.37 4.53
N LEU A 195 -11.38 -0.75 3.36
CA LEU A 195 -10.84 0.65 3.19
C LEU A 195 -11.52 1.61 4.18
N PHE A 196 -12.84 1.53 4.36
CA PHE A 196 -13.58 2.42 5.34
C PHE A 196 -13.14 2.12 6.75
N LYS A 197 -12.82 0.88 7.05
CA LYS A 197 -12.32 0.54 8.41
C LYS A 197 -10.97 1.17 8.62
N VAL A 198 -10.12 1.13 7.61
CA VAL A 198 -8.79 1.79 7.80
C VAL A 198 -9.01 3.30 8.04
N ARG A 199 -9.82 3.91 7.20
CA ARG A 199 -10.09 5.36 7.35
C ARG A 199 -10.61 5.66 8.75
N GLU A 200 -11.59 4.88 9.21
CA GLU A 200 -12.21 5.12 10.54
C GLU A 200 -11.20 5.09 11.65
N SER A 201 -10.12 4.33 11.52
CA SER A 201 -9.12 4.16 12.60
C SER A 201 -8.31 5.43 12.83
N GLY A 202 -8.32 6.35 11.86
CA GLY A 202 -7.44 7.52 11.88
C GLY A 202 -6.06 7.27 11.30
N SER A 203 -5.77 6.09 10.76
CA SER A 203 -4.44 5.71 10.23
C SER A 203 -4.06 6.53 8.98
N LEU A 204 -5.06 7.06 8.26
CA LEU A 204 -4.84 7.81 6.98
C LEU A 204 -4.94 9.29 7.25
N SER A 205 -4.92 9.69 8.50
CA SER A 205 -5.14 11.10 8.87
C SER A 205 -3.83 11.87 8.98
N PRO A 206 -3.86 13.18 8.66
CA PRO A 206 -2.64 13.99 8.62
C PRO A 206 -1.92 14.22 9.96
N GLU A 207 -2.59 13.92 11.07
N GLU A 207 -2.57 13.89 11.08
CA GLU A 207 -2.00 13.93 12.43
CA GLU A 207 -1.99 13.96 12.45
C GLU A 207 -0.83 12.94 12.49
C GLU A 207 -1.09 12.75 12.72
N HIS A 208 -0.94 11.83 11.76
CA HIS A 208 0.04 10.71 11.87
C HIS A 208 0.95 10.75 10.65
N GLY A 209 2.07 10.06 10.73
CA GLY A 209 2.90 9.77 9.56
C GLY A 209 2.11 8.94 8.58
N PRO A 210 2.67 8.76 7.37
CA PRO A 210 1.95 8.03 6.33
C PRO A 210 1.70 6.57 6.75
N VAL A 211 0.57 6.07 6.36
CA VAL A 211 0.25 4.62 6.41
C VAL A 211 1.28 3.83 5.60
N VAL A 212 1.68 2.65 6.10
CA VAL A 212 2.50 1.68 5.35
C VAL A 212 1.60 0.67 4.70
N VAL A 213 1.66 0.56 3.37
CA VAL A 213 0.81 -0.39 2.61
C VAL A 213 1.74 -1.40 1.92
N HIS A 214 1.43 -2.69 1.97
CA HIS A 214 2.25 -3.69 1.24
C HIS A 214 1.39 -4.86 0.78
N CYS A 215 1.88 -5.53 -0.24
CA CYS A 215 1.41 -6.88 -0.67
C CYS A 215 2.74 -7.64 -0.78
N SER A 216 2.98 -8.43 -1.82
N SER A 216 2.93 -8.43 -1.83
CA SER A 216 4.32 -9.07 -1.96
CA SER A 216 4.20 -9.13 -2.11
C SER A 216 5.30 -8.08 -2.58
C SER A 216 5.24 -8.10 -2.59
N ALA A 217 4.98 -7.50 -3.74
CA ALA A 217 5.89 -6.52 -4.41
C ALA A 217 5.62 -5.08 -3.95
N GLY A 218 4.44 -4.77 -3.39
CA GLY A 218 4.12 -3.35 -3.08
C GLY A 218 3.68 -2.52 -4.29
N ILE A 219 3.11 -3.12 -5.34
CA ILE A 219 2.74 -2.36 -6.56
C ILE A 219 1.34 -2.73 -7.02
N GLY A 220 0.89 -3.98 -6.87
CA GLY A 220 -0.37 -4.44 -7.49
C GLY A 220 -1.58 -4.16 -6.61
N ARG A 221 -1.86 -5.05 -5.68
CA ARG A 221 -2.97 -4.86 -4.70
C ARG A 221 -2.76 -3.54 -3.94
N SER A 222 -1.51 -3.23 -3.60
CA SER A 222 -1.14 -2.01 -2.82
C SER A 222 -1.53 -0.77 -3.64
N GLY A 223 -1.26 -0.82 -4.92
CA GLY A 223 -1.68 0.22 -5.87
C GLY A 223 -3.17 0.42 -5.91
N THR A 224 -3.95 -0.66 -5.94
N THR A 224 -3.96 -0.66 -5.93
CA THR A 224 -5.44 -0.62 -5.98
CA THR A 224 -5.44 -0.61 -5.99
C THR A 224 -5.97 0.07 -4.72
C THR A 224 -5.95 0.10 -4.72
N PHE A 225 -5.37 -0.23 -3.58
CA PHE A 225 -5.75 0.36 -2.29
C PHE A 225 -5.63 1.90 -2.34
N CYS A 226 -4.45 2.43 -2.69
N CYS A 226 -4.43 2.40 -2.68
CA CYS A 226 -4.20 3.90 -2.61
CA CYS A 226 -4.12 3.84 -2.68
C CYS A 226 -4.82 4.63 -3.81
C CYS A 226 -4.94 4.56 -3.76
N LEU A 227 -5.03 3.96 -4.94
CA LEU A 227 -5.78 4.53 -6.06
C LEU A 227 -7.27 4.71 -5.68
N ALA A 228 -7.91 3.73 -5.08
CA ALA A 228 -9.33 3.84 -4.67
C ALA A 228 -9.46 4.91 -3.58
N ASP A 229 -8.62 4.90 -2.57
CA ASP A 229 -8.73 5.88 -1.48
C ASP A 229 -8.64 7.32 -2.04
N THR A 230 -7.60 7.59 -2.82
CA THR A 230 -7.29 8.93 -3.36
C THR A 230 -8.44 9.39 -4.28
N CYS A 231 -8.88 8.54 -5.20
CA CYS A 231 -10.02 8.87 -6.10
C CYS A 231 -11.29 9.24 -5.31
N LEU A 232 -11.65 8.47 -4.28
CA LEU A 232 -12.85 8.75 -3.48
C LEU A 232 -12.72 10.06 -2.71
N LEU A 233 -11.52 10.35 -2.19
N LEU A 233 -11.53 10.33 -2.15
CA LEU A 233 -11.25 11.60 -1.44
CA LEU A 233 -11.20 11.60 -1.45
C LEU A 233 -11.36 12.81 -2.37
C LEU A 233 -11.41 12.78 -2.40
N LEU A 234 -10.85 12.69 -3.61
CA LEU A 234 -10.90 13.79 -4.60
C LEU A 234 -12.37 14.06 -4.99
N MET A 235 -13.18 13.01 -5.15
CA MET A 235 -14.63 13.16 -5.44
C MET A 235 -15.36 13.89 -4.31
N ASP A 236 -14.92 13.79 -3.06
CA ASP A 236 -15.51 14.55 -1.94
C ASP A 236 -15.09 16.02 -1.97
N LYS A 237 -13.88 16.28 -2.42
CA LYS A 237 -13.26 17.60 -2.26
C LYS A 237 -13.72 18.48 -3.42
N ARG A 238 -13.90 17.96 -4.62
CA ARG A 238 -14.05 18.81 -5.84
C ARG A 238 -15.49 19.32 -6.06
N LYS A 239 -15.59 20.53 -6.66
CA LYS A 239 -16.91 21.13 -6.99
C LYS A 239 -17.67 20.16 -7.90
N ASP A 240 -16.99 19.59 -8.88
CA ASP A 240 -17.55 18.58 -9.82
C ASP A 240 -16.85 17.24 -9.62
N PRO A 241 -17.46 16.29 -8.86
CA PRO A 241 -16.93 14.94 -8.69
C PRO A 241 -16.51 14.15 -9.95
N SER A 242 -17.20 14.34 -11.07
CA SER A 242 -16.96 13.58 -12.34
C SER A 242 -15.75 14.17 -13.09
N SER A 243 -15.09 15.20 -12.57
CA SER A 243 -13.80 15.68 -13.11
C SER A 243 -12.67 14.70 -12.72
N VAL A 244 -12.97 13.69 -11.90
CA VAL A 244 -11.91 12.76 -11.41
C VAL A 244 -11.63 11.73 -12.50
N ASP A 245 -10.43 11.74 -13.07
CA ASP A 245 -10.03 10.76 -14.11
C ASP A 245 -9.07 9.77 -13.41
N ILE A 246 -9.49 8.51 -13.27
N ILE A 246 -9.52 8.52 -13.26
CA ILE A 246 -8.73 7.46 -12.55
CA ILE A 246 -8.73 7.43 -12.61
C ILE A 246 -7.39 7.19 -13.27
C ILE A 246 -7.35 7.33 -13.27
N LYS A 247 -7.34 7.35 -14.61
CA LYS A 247 -6.12 7.12 -15.41
C LYS A 247 -5.10 8.21 -15.10
N LYS A 248 -5.55 9.45 -14.94
CA LYS A 248 -4.64 10.56 -14.59
C LYS A 248 -4.12 10.38 -13.17
N VAL A 249 -4.98 10.01 -12.24
CA VAL A 249 -4.55 9.81 -10.83
C VAL A 249 -3.51 8.69 -10.80
N LEU A 250 -3.76 7.61 -11.52
CA LEU A 250 -2.81 6.47 -11.54
C LEU A 250 -1.47 6.94 -12.08
N LEU A 251 -1.49 7.72 -13.15
CA LEU A 251 -0.22 8.20 -13.75
C LEU A 251 0.52 9.13 -12.79
N GLU A 252 -0.21 9.98 -12.05
N GLU A 252 -0.20 9.96 -12.04
CA GLU A 252 0.42 10.86 -11.04
CA GLU A 252 0.45 10.78 -10.99
C GLU A 252 1.04 10.01 -9.91
C GLU A 252 1.14 9.86 -9.97
N MET A 253 0.39 8.91 -9.54
N MET A 253 0.41 8.89 -9.41
CA MET A 253 0.91 8.00 -8.48
CA MET A 253 1.02 7.98 -8.39
C MET A 253 2.21 7.37 -9.03
C MET A 253 2.26 7.34 -9.02
N ARG A 254 2.14 6.90 -10.29
CA ARG A 254 3.30 6.20 -10.95
C ARG A 254 4.54 7.09 -11.09
N LYS A 255 4.47 8.39 -10.80
CA LYS A 255 5.68 9.22 -10.72
C LYS A 255 6.48 8.86 -9.46
N PHE A 256 5.81 8.23 -8.48
CA PHE A 256 6.41 7.99 -7.15
C PHE A 256 6.85 6.55 -6.95
N ARG A 257 6.22 5.61 -7.62
CA ARG A 257 6.65 4.21 -7.57
C ARG A 257 6.20 3.51 -8.84
N MET A 258 7.10 2.74 -9.44
CA MET A 258 6.81 2.05 -10.70
C MET A 258 5.76 0.97 -10.53
N GLY A 259 5.03 0.71 -11.62
CA GLY A 259 4.26 -0.52 -11.81
C GLY A 259 2.99 -0.62 -11.02
N LEU A 260 2.55 0.47 -10.36
CA LEU A 260 1.32 0.43 -9.57
C LEU A 260 0.18 -0.02 -10.50
N ILE A 261 -0.55 -1.06 -10.09
CA ILE A 261 -1.61 -1.75 -10.85
C ILE A 261 -0.89 -2.62 -11.88
N GLN A 262 -0.88 -3.93 -11.65
N GLN A 262 -0.89 -3.93 -11.69
CA GLN A 262 -0.01 -4.92 -12.33
CA GLN A 262 0.02 -4.85 -12.41
C GLN A 262 -0.72 -5.51 -13.56
C GLN A 262 -0.73 -5.64 -13.49
N THR A 263 -2.05 -5.53 -13.58
CA THR A 263 -2.84 -6.21 -14.62
C THR A 263 -4.03 -5.35 -15.01
N ALA A 264 -4.59 -5.63 -16.19
CA ALA A 264 -5.81 -4.97 -16.71
C ALA A 264 -6.98 -5.30 -15.79
N ASP A 265 -6.93 -6.50 -15.19
CA ASP A 265 -7.92 -6.97 -14.18
C ASP A 265 -7.89 -6.04 -12.96
N GLN A 266 -6.70 -5.71 -12.46
CA GLN A 266 -6.58 -4.82 -11.28
C GLN A 266 -7.13 -3.44 -11.66
N LEU A 267 -6.86 -2.98 -12.89
CA LEU A 267 -7.37 -1.67 -13.37
C LEU A 267 -8.90 -1.70 -13.37
N ARG A 268 -9.49 -2.69 -14.04
CA ARG A 268 -10.97 -2.85 -14.06
C ARG A 268 -11.52 -2.84 -12.64
N PHE A 269 -10.92 -3.63 -11.73
CA PHE A 269 -11.35 -3.73 -10.32
C PHE A 269 -11.28 -2.35 -9.64
N SER A 270 -10.24 -1.56 -9.90
CA SER A 270 -10.06 -0.21 -9.31
C SER A 270 -11.23 0.69 -9.76
N TYR A 271 -11.60 0.63 -11.03
CA TYR A 271 -12.75 1.44 -11.54
C TYR A 271 -14.01 1.06 -10.78
N LEU A 272 -14.29 -0.25 -10.70
N LEU A 272 -14.26 -0.26 -10.67
CA LEU A 272 -15.46 -0.84 -9.99
CA LEU A 272 -15.45 -0.84 -10.00
C LEU A 272 -15.47 -0.39 -8.53
C LEU A 272 -15.48 -0.42 -8.53
N ALA A 273 -14.33 -0.44 -7.84
CA ALA A 273 -14.25 -0.04 -6.43
C ALA A 273 -14.62 1.45 -6.30
N VAL A 274 -14.09 2.29 -7.19
CA VAL A 274 -14.33 3.76 -7.09
C VAL A 274 -15.82 4.03 -7.43
N ILE A 275 -16.31 3.42 -8.50
CA ILE A 275 -17.74 3.61 -8.93
C ILE A 275 -18.65 3.21 -7.79
N GLU A 276 -18.43 2.04 -7.20
CA GLU A 276 -19.29 1.52 -6.10
C GLU A 276 -19.09 2.41 -4.89
N GLY A 277 -17.86 2.78 -4.54
CA GLY A 277 -17.64 3.58 -3.32
C GLY A 277 -18.29 4.96 -3.42
N ALA A 278 -18.31 5.54 -4.61
CA ALA A 278 -18.99 6.83 -4.93
C ALA A 278 -20.47 6.80 -4.54
N LYS A 279 -21.20 5.70 -4.74
CA LYS A 279 -22.60 5.55 -4.22
C LYS A 279 -22.64 5.78 -2.71
N PHE A 280 -21.80 5.12 -1.92
CA PHE A 280 -21.70 5.32 -0.46
C PHE A 280 -21.07 6.68 -0.09
N ILE A 281 -20.99 7.64 -1.01
CA ILE A 281 -20.30 8.96 -0.80
C ILE A 281 -21.07 10.07 -1.55
N MET A 282 -22.28 9.78 -2.05
CA MET A 282 -23.13 10.72 -2.84
C MET A 282 -24.57 10.21 -2.77
C TRS B . 11.20 14.87 -5.19
C1 TRS B . 11.21 15.91 -4.07
C2 TRS B . 9.90 14.05 -5.19
C3 TRS B . 12.45 14.00 -5.18
N TRS B . 11.23 15.61 -6.50
O1 TRS B . 10.04 16.71 -4.10
O2 TRS B . 9.87 12.91 -4.35
O3 TRS B . 13.21 14.10 -3.98
H11 TRS B . 12.00 16.49 -4.16
H12 TRS B . 11.27 15.46 -3.20
H21 TRS B . 9.73 13.74 -6.11
H22 TRS B . 9.16 14.63 -4.94
H31 TRS B . 13.02 14.24 -5.93
H32 TRS B . 12.18 13.07 -5.29
HN1 TRS B . 12.00 15.47 -6.95
HN2 TRS B . 11.15 16.51 -6.37
HN3 TRS B . 10.55 15.35 -7.05
HO1 TRS B . 10.04 17.25 -3.44
HO2 TRS B . 9.13 12.53 -4.45
HO3 TRS B . 12.79 13.63 -3.35
N1 WUW C . -9.76 -7.90 -21.02
C4 WUW C . -10.47 -7.59 -18.59
C5 WUW C . -10.82 -8.10 -19.99
C6 WUW C . -11.20 -9.57 -19.99
C7 WUW C . -10.02 -10.35 -19.44
C8 WUW C . -8.79 -10.13 -20.31
C10 WUW C . -11.34 -7.87 -23.22
C1 WUW C . -7.63 -10.65 -17.36
C11 WUW C . -7.31 -12.01 -20.53
C2 WUW C . -9.90 -9.96 -17.97
C3 WUW C . -9.48 -8.50 -17.86
C9 WUW C . -9.01 -9.10 -21.41
O1 WUW C . -9.05 -10.83 -17.21
O2 WUW C . -8.97 -6.88 -23.11
O3 WUW C . -10.76 -5.77 -21.84
O4 WUW C . -8.42 -11.30 -21.04
S1 WUW C . -10.15 -6.97 -22.31
H7 WUW C . -10.09 -6.70 -18.65
H8 WUW C . -11.29 -7.53 -18.06
H9 WUW C . -11.60 -7.57 -20.29
H11 WUW C . -11.42 -9.86 -20.90
H10 WUW C . -12.00 -9.70 -19.43
H12 WUW C . -10.24 -11.32 -19.46
H13 WUW C . -8.04 -9.84 -19.76
H16 WUW C . -12.20 -7.42 -23.16
H17 WUW C . -11.42 -8.76 -22.85
H18 WUW C . -11.07 -7.92 -24.15
H1 WUW C . -7.17 -11.32 -16.82
H2 WUW C . -7.38 -9.77 -17.06
H3 WUW C . -7.39 -10.77 -18.28
H19 WUW C . -7.06 -12.72 -21.16
H20 WUW C . -7.55 -12.43 -19.68
H21 WUW C . -6.56 -11.41 -20.39
H4 WUW C . -10.79 -10.02 -17.57
H5 WUW C . -9.44 -8.25 -16.91
H6 WUW C . -8.59 -8.38 -18.24
H15 WUW C . -8.14 -8.82 -21.75
H14 WUW C . -9.47 -9.54 -22.16
#